data_4TTB
#
_entry.id   4TTB
#
_cell.length_a   72.892
_cell.length_b   72.892
_cell.length_c   95.515
_cell.angle_alpha   90.00
_cell.angle_beta   90.00
_cell.angle_gamma   120.00
#
_symmetry.space_group_name_H-M   'P 31'
#
loop_
_entity.id
_entity.type
_entity.pdbx_description
1 polymer 'Iodotyrosine dehalogenase 1'
2 non-polymer 'FLAVIN MONONUCLEOTIDE'
3 water water
#
_entity_poly.entity_id   1
_entity_poly.type   'polypeptide(L)'
_entity_poly.pdbx_seq_one_letter_code
;SGEPRTRAEARPWVDEDLKDSSDLHQAEEDADEWQESEENVEHIPFSHNHYPEKEMVKRSQEFYELLNKRRSVRFISNEQ
VPMEVIDNVIRTAGTAPSGAHTEPWTFVVVKDPDVKHKIRKIIEEEEEINYMKRMGHRWVTDLKKLRTNWIKEYLDTAPI
LILIFKQVHGFAANGKKKVHYYNEISVSIACGILLAALQNAGLVTVTTTPLNCGPRLRVLLGRPAHEKLLMLLPVGYPSK
EATVPDLKRKPLDQIMVTVHHHHHH
;
_entity_poly.pdbx_strand_id   A,B
#
loop_
_chem_comp.id
_chem_comp.type
_chem_comp.name
_chem_comp.formula
FMN non-polymer 'FLAVIN MONONUCLEOTIDE' 'C17 H21 N4 O9 P'
#
# COMPACT_ATOMS: atom_id res chain seq x y z
N VAL A 41 18.62 -8.25 20.11
CA VAL A 41 19.44 -7.26 19.40
C VAL A 41 19.03 -5.83 19.81
N GLU A 42 19.83 -4.85 19.42
CA GLU A 42 19.77 -3.48 19.96
C GLU A 42 18.48 -2.70 19.70
N HIS A 43 18.20 -1.71 20.54
CA HIS A 43 17.01 -0.86 20.42
C HIS A 43 17.34 0.61 20.61
N ILE A 44 16.92 1.47 19.69
CA ILE A 44 17.29 2.88 19.75
C ILE A 44 16.10 3.83 19.90
N PRO A 45 16.31 4.99 20.51
CA PRO A 45 15.27 6.03 20.65
C PRO A 45 14.62 6.35 19.29
N PHE A 46 13.31 6.61 19.29
CA PHE A 46 12.60 6.93 18.05
C PHE A 46 12.37 8.45 17.87
N SER A 47 12.72 8.96 16.69
CA SER A 47 12.63 10.40 16.40
CA SER A 47 12.63 10.40 16.43
C SER A 47 11.19 10.93 16.40
N HIS A 48 10.93 11.93 17.23
CA HIS A 48 9.59 12.51 17.35
C HIS A 48 9.01 13.09 16.06
N ASN A 49 9.57 14.22 15.60
CA ASN A 49 9.06 14.94 14.43
C ASN A 49 7.57 15.34 14.55
N HIS A 50 7.26 16.25 15.46
CA HIS A 50 5.87 16.57 15.82
C HIS A 50 5.24 17.78 15.10
N TYR A 51 4.25 17.51 14.26
CA TYR A 51 3.42 18.56 13.62
C TYR A 51 2.30 19.03 14.54
N PRO A 52 2.00 20.34 14.54
CA PRO A 52 0.83 20.83 15.28
C PRO A 52 -0.45 20.23 14.70
N GLU A 53 -1.53 20.25 15.47
CA GLU A 53 -2.82 19.69 15.06
C GLU A 53 -3.27 20.17 13.65
N LYS A 54 -3.30 21.48 13.44
CA LYS A 54 -3.77 22.06 12.18
C LYS A 54 -2.84 21.74 11.02
N GLU A 55 -1.59 21.44 11.33
CA GLU A 55 -0.65 21.03 10.30
C GLU A 55 -0.99 19.62 9.82
N MET A 56 -1.39 18.75 10.75
CA MET A 56 -1.69 17.37 10.42
C MET A 56 -2.96 17.31 9.58
N VAL A 57 -3.91 18.16 9.92
CA VAL A 57 -5.14 18.25 9.18
C VAL A 57 -4.84 18.69 7.75
N LYS A 58 -4.19 19.83 7.60
CA LYS A 58 -3.75 20.35 6.31
C LYS A 58 -2.98 19.30 5.51
N ARG A 59 -2.04 18.63 6.16
CA ARG A 59 -1.22 17.62 5.49
C ARG A 59 -2.00 16.37 5.09
N SER A 60 -2.90 15.93 5.94
CA SER A 60 -3.65 14.70 5.66
C SER A 60 -4.67 14.98 4.57
N GLN A 61 -5.19 16.20 4.53
CA GLN A 61 -6.15 16.60 3.51
C GLN A 61 -5.49 16.68 2.14
N GLU A 62 -4.32 17.31 2.09
CA GLU A 62 -3.58 17.47 0.83
C GLU A 62 -3.23 16.13 0.24
N PHE A 63 -2.86 15.19 1.11
CA PHE A 63 -2.46 13.86 0.69
C PHE A 63 -3.65 13.06 0.17
N TYR A 64 -4.81 13.27 0.78
CA TYR A 64 -6.01 12.65 0.29
C TYR A 64 -6.31 13.18 -1.12
N GLU A 65 -6.29 14.50 -1.27
CA GLU A 65 -6.54 15.10 -2.55
C GLU A 65 -5.57 14.66 -3.63
N LEU A 66 -4.32 14.41 -3.24
CA LEU A 66 -3.29 14.03 -4.20
C LEU A 66 -3.55 12.62 -4.67
N LEU A 67 -3.87 11.75 -3.73
CA LEU A 67 -4.05 10.36 -4.04
C LEU A 67 -5.43 10.08 -4.62
N ASN A 68 -6.39 10.96 -4.35
CA ASN A 68 -7.73 10.76 -4.89
C ASN A 68 -7.74 10.96 -6.40
N LYS A 69 -6.73 11.66 -6.92
CA LYS A 69 -6.59 11.89 -8.36
C LYS A 69 -5.89 10.72 -9.05
N ARG A 70 -5.56 9.68 -8.31
CA ARG A 70 -4.93 8.55 -8.95
C ARG A 70 -6.01 7.79 -9.69
N ARG A 71 -5.75 7.43 -10.95
CA ARG A 71 -6.66 6.58 -11.69
C ARG A 71 -5.85 5.56 -12.47
N SER A 72 -6.39 4.37 -12.65
CA SER A 72 -5.76 3.38 -13.51
C SER A 72 -5.94 3.89 -14.93
N VAL A 73 -4.83 4.07 -15.63
CA VAL A 73 -4.80 4.68 -16.94
C VAL A 73 -4.27 3.66 -17.92
N ARG A 74 -5.10 3.30 -18.88
CA ARG A 74 -4.76 2.22 -19.80
C ARG A 74 -4.11 2.71 -21.07
N PHE A 75 -3.82 4.01 -21.12
CA PHE A 75 -3.26 4.66 -22.31
C PHE A 75 -2.01 5.42 -21.91
N ILE A 76 -0.86 4.95 -22.38
CA ILE A 76 0.41 5.35 -21.79
C ILE A 76 1.48 5.66 -22.83
N SER A 77 2.12 6.81 -22.69
CA SER A 77 3.09 7.29 -23.66
C SER A 77 4.34 6.43 -23.67
N ASN A 78 5.08 6.48 -24.77
CA ASN A 78 6.34 5.76 -24.87
C ASN A 78 7.55 6.61 -24.46
N GLU A 79 7.25 7.83 -24.00
CA GLU A 79 8.24 8.74 -23.44
C GLU A 79 9.02 8.08 -22.31
N GLN A 80 10.32 8.28 -22.31
CA GLN A 80 11.16 7.71 -21.26
C GLN A 80 10.94 8.40 -19.92
N VAL A 81 10.87 7.58 -18.88
CA VAL A 81 10.88 8.06 -17.50
C VAL A 81 12.30 8.01 -16.94
N PRO A 82 12.73 9.10 -16.28
CA PRO A 82 14.09 9.12 -15.71
C PRO A 82 14.28 7.97 -14.72
N MET A 83 15.36 7.22 -14.88
CA MET A 83 15.62 6.06 -14.03
C MET A 83 15.73 6.44 -12.56
N GLU A 84 16.25 7.63 -12.29
CA GLU A 84 16.33 8.13 -10.92
C GLU A 84 14.97 8.08 -10.27
N VAL A 85 13.97 8.55 -11.00
CA VAL A 85 12.61 8.61 -10.48
C VAL A 85 12.08 7.19 -10.23
N ILE A 86 12.46 6.26 -11.10
CA ILE A 86 12.05 4.86 -10.97
C ILE A 86 12.73 4.22 -9.76
N ASP A 87 14.00 4.55 -9.58
CA ASP A 87 14.77 4.13 -8.43
C ASP A 87 14.08 4.60 -7.16
N ASN A 88 13.79 5.89 -7.10
CA ASN A 88 13.27 6.49 -5.89
C ASN A 88 11.94 5.90 -5.51
N VAL A 89 11.17 5.60 -6.54
CA VAL A 89 9.85 5.05 -6.33
C VAL A 89 9.95 3.61 -5.80
N ILE A 90 10.95 2.88 -6.27
CA ILE A 90 11.10 1.52 -5.81
C ILE A 90 11.73 1.48 -4.41
N ARG A 91 12.63 2.43 -4.15
CA ARG A 91 13.18 2.58 -2.80
C ARG A 91 12.04 2.79 -1.84
N THR A 92 11.12 3.67 -2.23
CA THR A 92 10.01 4.05 -1.39
C THR A 92 9.17 2.85 -1.06
N ALA A 93 8.89 2.03 -2.07
CA ALA A 93 8.18 0.80 -1.87
C ALA A 93 8.91 -0.12 -0.89
N GLY A 94 10.24 -0.06 -0.92
CA GLY A 94 11.06 -0.97 -0.12
C GLY A 94 11.08 -0.58 1.35
N THR A 95 10.48 0.57 1.68
CA THR A 95 10.39 1.03 3.05
C THR A 95 9.19 0.45 3.78
N ALA A 96 8.44 -0.40 3.09
CA ALA A 96 7.24 -1.02 3.67
C ALA A 96 7.57 -1.91 4.87
N PRO A 97 6.58 -2.13 5.75
CA PRO A 97 6.71 -3.16 6.79
C PRO A 97 6.73 -4.53 6.16
N SER A 98 7.19 -5.53 6.89
CA SER A 98 7.10 -6.91 6.44
C SER A 98 7.04 -7.79 7.68
N GLY A 99 6.39 -8.94 7.57
CA GLY A 99 6.25 -9.83 8.69
C GLY A 99 7.61 -10.38 9.06
N ALA A 100 8.01 -10.20 10.32
CA ALA A 100 9.34 -10.62 10.78
C ALA A 100 10.48 -10.02 9.96
N HIS A 101 10.28 -8.84 9.37
CA HIS A 101 11.36 -8.10 8.71
C HIS A 101 12.01 -8.81 7.51
N THR A 102 11.26 -9.69 6.86
CA THR A 102 11.84 -10.48 5.76
C THR A 102 12.04 -9.69 4.46
N GLU A 103 11.43 -8.51 4.36
CA GLU A 103 11.39 -7.74 3.11
C GLU A 103 11.27 -8.62 1.87
N PRO A 104 10.20 -9.44 1.80
CA PRO A 104 10.18 -10.54 0.82
C PRO A 104 9.68 -10.12 -0.56
N TRP A 105 10.27 -9.08 -1.15
CA TRP A 105 9.81 -8.56 -2.42
C TRP A 105 10.95 -8.36 -3.41
N THR A 106 10.65 -8.54 -4.69
CA THR A 106 11.59 -8.25 -5.78
C THR A 106 10.90 -7.43 -6.86
N PHE A 107 11.43 -6.25 -7.16
CA PHE A 107 10.85 -5.38 -8.17
C PHE A 107 11.66 -5.47 -9.45
N VAL A 108 11.08 -6.09 -10.46
CA VAL A 108 11.76 -6.34 -11.71
C VAL A 108 11.31 -5.34 -12.75
N VAL A 109 12.25 -4.54 -13.22
CA VAL A 109 11.96 -3.45 -14.13
C VAL A 109 12.40 -3.81 -15.54
N VAL A 110 11.46 -3.80 -16.46
CA VAL A 110 11.75 -4.21 -17.82
C VAL A 110 11.66 -3.01 -18.77
N LYS A 111 12.82 -2.56 -19.24
CA LYS A 111 12.93 -1.48 -20.21
C LYS A 111 13.15 -1.95 -21.64
N ASP A 112 13.31 -3.25 -21.84
CA ASP A 112 13.67 -3.75 -23.16
C ASP A 112 12.46 -4.10 -24.02
N PRO A 113 12.32 -3.42 -25.17
CA PRO A 113 11.20 -3.55 -26.11
C PRO A 113 10.86 -5.00 -26.47
N ASP A 114 11.86 -5.83 -26.70
CA ASP A 114 11.63 -7.21 -27.10
C ASP A 114 11.02 -8.06 -26.00
N VAL A 115 11.65 -8.04 -24.83
CA VAL A 115 11.14 -8.83 -23.71
C VAL A 115 9.80 -8.23 -23.25
N LYS A 116 9.66 -6.92 -23.35
CA LYS A 116 8.38 -6.26 -23.09
C LYS A 116 7.31 -6.80 -24.03
N HIS A 117 7.68 -6.98 -25.30
CA HIS A 117 6.77 -7.54 -26.30
C HIS A 117 6.43 -8.99 -25.99
N LYS A 118 7.46 -9.79 -25.73
CA LYS A 118 7.26 -11.19 -25.34
C LYS A 118 6.35 -11.25 -24.12
N ILE A 119 6.65 -10.43 -23.12
CA ILE A 119 5.76 -10.24 -21.98
C ILE A 119 4.33 -9.92 -22.44
N ARG A 120 4.20 -8.99 -23.37
CA ARG A 120 2.89 -8.62 -23.90
C ARG A 120 2.15 -9.80 -24.55
N LYS A 121 2.83 -10.50 -25.44
CA LYS A 121 2.19 -11.58 -26.16
C LYS A 121 1.83 -12.74 -25.23
N ILE A 122 2.66 -12.97 -24.21
CA ILE A 122 2.40 -14.02 -23.24
C ILE A 122 1.13 -13.70 -22.48
N ILE A 123 1.03 -12.44 -22.06
CA ILE A 123 -0.12 -11.98 -21.29
C ILE A 123 -1.41 -12.05 -22.10
N GLU A 124 -1.33 -11.65 -23.37
CA GLU A 124 -2.52 -11.64 -24.23
C GLU A 124 -3.06 -13.03 -24.51
N GLU A 125 -2.16 -13.95 -24.83
CA GLU A 125 -2.52 -15.33 -25.18
C GLU A 125 -3.38 -16.00 -24.11
N GLU A 126 -2.99 -15.81 -22.85
CA GLU A 126 -3.69 -16.42 -21.74
C GLU A 126 -5.04 -15.77 -21.51
N GLU A 127 -5.11 -14.47 -21.78
CA GLU A 127 -6.33 -13.70 -21.59
C GLU A 127 -7.35 -13.94 -22.69
N GLU A 128 -6.96 -14.68 -23.72
CA GLU A 128 -7.83 -14.95 -24.84
C GLU A 128 -8.76 -16.10 -24.51
N ILE A 129 -8.63 -16.63 -23.30
CA ILE A 129 -9.46 -17.72 -22.83
C ILE A 129 -10.87 -17.26 -22.46
N ASN A 130 -11.86 -18.01 -22.94
CA ASN A 130 -13.27 -17.65 -22.79
C ASN A 130 -13.89 -18.22 -21.52
N ASN A 149 -10.77 -4.76 -25.20
CA ASN A 149 -11.07 -6.16 -24.95
C ASN A 149 -9.85 -6.93 -24.45
N TRP A 150 -9.46 -7.99 -25.16
CA TRP A 150 -8.35 -8.83 -24.73
C TRP A 150 -6.99 -8.25 -25.10
N ILE A 151 -7.00 -7.14 -25.84
CA ILE A 151 -5.77 -6.50 -26.31
C ILE A 151 -5.20 -5.51 -25.28
N LYS A 152 -3.96 -5.73 -24.84
CA LYS A 152 -3.33 -4.73 -23.99
C LYS A 152 -2.15 -4.10 -24.72
N GLU A 153 -2.35 -2.89 -25.23
CA GLU A 153 -1.34 -2.24 -26.05
C GLU A 153 -0.29 -1.56 -25.20
N TYR A 154 -0.69 -1.17 -23.99
CA TYR A 154 0.14 -0.35 -23.14
C TYR A 154 1.38 -1.11 -22.61
N LEU A 155 1.32 -2.43 -22.65
CA LEU A 155 2.47 -3.26 -22.31
C LEU A 155 3.63 -2.98 -23.26
N ASP A 156 3.31 -2.70 -24.52
CA ASP A 156 4.33 -2.28 -25.47
C ASP A 156 4.68 -0.80 -25.37
N THR A 157 3.68 0.05 -25.25
CA THR A 157 3.92 1.48 -25.37
C THR A 157 4.60 2.07 -24.15
N ALA A 158 4.28 1.56 -22.96
CA ALA A 158 4.94 2.05 -21.75
C ALA A 158 6.47 1.86 -21.83
N PRO A 159 7.21 2.90 -21.43
CA PRO A 159 8.67 2.78 -21.48
C PRO A 159 9.15 1.69 -20.51
N ILE A 160 8.36 1.42 -19.48
CA ILE A 160 8.78 0.54 -18.38
C ILE A 160 7.68 -0.38 -17.89
N LEU A 161 8.00 -1.66 -17.71
CA LEU A 161 7.15 -2.57 -16.95
C LEU A 161 7.78 -2.90 -15.58
N ILE A 162 7.03 -2.72 -14.50
CA ILE A 162 7.47 -3.15 -13.18
C ILE A 162 6.72 -4.40 -12.72
N LEU A 163 7.43 -5.52 -12.65
CA LEU A 163 6.84 -6.77 -12.20
C LEU A 163 7.27 -7.10 -10.77
N ILE A 164 6.32 -7.05 -9.83
CA ILE A 164 6.64 -7.35 -8.45
C ILE A 164 6.50 -8.83 -8.13
N PHE A 165 7.55 -9.42 -7.60
CA PHE A 165 7.57 -10.81 -7.18
C PHE A 165 7.60 -10.98 -5.65
N LYS A 166 6.90 -12.00 -5.17
CA LYS A 166 6.84 -12.31 -3.76
C LYS A 166 7.82 -13.44 -3.54
N GLN A 167 8.67 -13.34 -2.52
CA GLN A 167 9.60 -14.41 -2.14
C GLN A 167 8.98 -15.36 -1.12
N VAL A 168 9.22 -16.66 -1.28
CA VAL A 168 8.75 -17.65 -0.31
C VAL A 168 9.91 -18.35 0.40
N TYR A 182 3.73 -13.62 6.62
CA TYR A 182 2.58 -13.27 5.80
C TYR A 182 3.05 -12.47 4.60
N ASN A 183 3.76 -13.13 3.69
CA ASN A 183 4.48 -12.44 2.64
C ASN A 183 3.59 -11.79 1.57
N GLU A 184 2.47 -12.43 1.25
CA GLU A 184 1.57 -11.89 0.25
C GLU A 184 1.07 -10.52 0.68
N ILE A 185 0.58 -10.44 1.91
CA ILE A 185 0.14 -9.18 2.46
C ILE A 185 1.28 -8.15 2.47
N SER A 186 2.45 -8.57 2.94
CA SER A 186 3.63 -7.70 3.03
C SER A 186 3.96 -7.12 1.66
N VAL A 187 3.99 -7.98 0.64
CA VAL A 187 4.34 -7.50 -0.70
C VAL A 187 3.26 -6.58 -1.30
N SER A 188 2.00 -6.88 -1.03
CA SER A 188 0.92 -6.02 -1.51
C SER A 188 0.97 -4.67 -0.81
N ILE A 189 1.24 -4.68 0.49
CA ILE A 189 1.42 -3.42 1.21
C ILE A 189 2.47 -2.57 0.51
N ALA A 190 3.59 -3.20 0.15
CA ALA A 190 4.65 -2.49 -0.59
C ALA A 190 4.18 -1.96 -1.96
N CYS A 191 3.42 -2.78 -2.69
CA CYS A 191 2.84 -2.35 -3.96
C CYS A 191 1.92 -1.14 -3.78
N GLY A 192 1.13 -1.16 -2.71
CA GLY A 192 0.30 -0.01 -2.37
C GLY A 192 1.12 1.26 -2.19
N ILE A 193 2.25 1.13 -1.49
CA ILE A 193 3.19 2.25 -1.30
C ILE A 193 3.84 2.69 -2.62
N LEU A 194 4.21 1.71 -3.44
CA LEU A 194 4.65 1.96 -4.81
C LEU A 194 3.64 2.81 -5.61
N LEU A 195 2.35 2.45 -5.54
CA LEU A 195 1.34 3.19 -6.30
C LEU A 195 1.20 4.62 -5.81
N ALA A 196 1.24 4.79 -4.50
CA ALA A 196 1.27 6.12 -3.90
C ALA A 196 2.50 6.88 -4.40
N ALA A 197 3.61 6.17 -4.56
CA ALA A 197 4.84 6.82 -4.97
C ALA A 197 4.76 7.25 -6.43
N LEU A 198 4.17 6.41 -7.27
CA LEU A 198 3.92 6.77 -8.67
C LEU A 198 3.03 8.02 -8.78
N GLN A 199 1.89 7.99 -8.10
CA GLN A 199 1.00 9.13 -8.12
C GLN A 199 1.74 10.42 -7.73
N ASN A 200 2.40 10.41 -6.57
CA ASN A 200 3.12 11.56 -6.06
C ASN A 200 4.18 12.07 -7.04
N ALA A 201 4.85 11.15 -7.73
CA ALA A 201 5.83 11.50 -8.75
C ALA A 201 5.22 11.92 -10.10
N GLY A 202 3.89 11.82 -10.22
CA GLY A 202 3.21 12.20 -11.44
C GLY A 202 3.39 11.22 -12.58
N LEU A 203 3.42 9.94 -12.25
CA LEU A 203 3.47 8.89 -13.24
C LEU A 203 2.18 8.12 -13.11
N VAL A 204 1.81 7.42 -14.18
CA VAL A 204 0.60 6.63 -14.14
C VAL A 204 0.89 5.18 -14.45
N THR A 205 -0.06 4.33 -14.13
CA THR A 205 0.03 2.93 -14.39
C THR A 205 -1.38 2.35 -14.35
N VAL A 206 -1.49 1.05 -14.57
CA VAL A 206 -2.71 0.35 -14.24
C VAL A 206 -2.32 -0.94 -13.55
N THR A 207 -2.82 -1.12 -12.33
CA THR A 207 -2.51 -2.31 -11.55
C THR A 207 -3.05 -3.55 -12.23
N THR A 208 -2.20 -4.54 -12.45
CA THR A 208 -2.64 -5.83 -12.96
C THR A 208 -1.97 -6.93 -12.14
N THR A 209 -2.71 -8.01 -11.90
CA THR A 209 -2.16 -9.16 -11.20
C THR A 209 -2.30 -10.42 -12.04
N PRO A 210 -1.52 -10.51 -13.12
CA PRO A 210 -1.64 -11.63 -14.06
C PRO A 210 -1.05 -12.91 -13.47
N LEU A 211 -1.74 -13.45 -12.48
CA LEU A 211 -1.41 -14.76 -11.96
C LEU A 211 -1.77 -15.78 -13.03
N ASN A 212 -1.18 -16.97 -12.92
CA ASN A 212 -1.20 -18.05 -13.92
C ASN A 212 -0.25 -17.77 -15.08
N CYS A 213 0.13 -16.51 -15.24
CA CYS A 213 1.16 -16.16 -16.22
C CYS A 213 2.51 -16.12 -15.53
N GLY A 214 2.48 -16.20 -14.20
CA GLY A 214 3.68 -16.07 -13.39
C GLY A 214 4.82 -16.99 -13.77
N PRO A 215 4.56 -18.31 -13.82
CA PRO A 215 5.60 -19.28 -14.19
C PRO A 215 6.31 -18.96 -15.50
N ARG A 216 5.56 -18.58 -16.53
CA ARG A 216 6.15 -18.25 -17.82
C ARG A 216 7.00 -16.99 -17.73
N LEU A 217 6.49 -15.99 -17.01
CA LEU A 217 7.16 -14.70 -16.88
C LEU A 217 8.38 -14.79 -15.98
N ARG A 218 8.27 -15.60 -14.92
CA ARG A 218 9.39 -15.82 -14.01
C ARG A 218 10.53 -16.50 -14.77
N VAL A 219 10.16 -17.46 -15.60
CA VAL A 219 11.14 -18.16 -16.43
C VAL A 219 11.73 -17.22 -17.47
N LEU A 220 10.86 -16.45 -18.12
CA LEU A 220 11.29 -15.51 -19.15
C LEU A 220 12.29 -14.52 -18.61
N LEU A 221 12.07 -14.11 -17.36
CA LEU A 221 12.89 -13.08 -16.72
C LEU A 221 14.03 -13.64 -15.87
N GLY A 222 14.16 -14.96 -15.84
CA GLY A 222 15.25 -15.58 -15.10
C GLY A 222 15.18 -15.37 -13.60
N ARG A 223 14.07 -15.77 -13.00
CA ARG A 223 13.85 -15.55 -11.57
C ARG A 223 13.83 -16.92 -10.84
N PRO A 224 14.21 -16.92 -9.55
CA PRO A 224 14.62 -18.09 -8.75
C PRO A 224 13.63 -19.23 -8.52
N ALA A 225 12.33 -19.03 -8.77
CA ALA A 225 11.29 -20.04 -8.57
C ALA A 225 10.76 -20.17 -7.15
N HIS A 226 11.43 -19.53 -6.20
CA HIS A 226 10.80 -19.31 -4.89
C HIS A 226 10.15 -17.93 -4.94
N GLU A 227 10.22 -17.32 -6.12
CA GLU A 227 9.51 -16.08 -6.42
C GLU A 227 8.23 -16.35 -7.20
N LYS A 228 7.10 -15.92 -6.65
CA LYS A 228 5.84 -15.94 -7.39
C LYS A 228 5.64 -14.54 -7.90
N LEU A 229 5.11 -14.40 -9.10
CA LEU A 229 4.71 -13.08 -9.56
C LEU A 229 3.49 -12.66 -8.77
N LEU A 230 3.45 -11.40 -8.39
CA LEU A 230 2.30 -10.83 -7.72
C LEU A 230 1.57 -9.83 -8.62
N MET A 231 2.28 -8.78 -9.01
CA MET A 231 1.69 -7.65 -9.71
C MET A 231 2.53 -7.20 -10.92
N LEU A 232 1.88 -6.64 -11.93
CA LEU A 232 2.57 -6.07 -13.07
C LEU A 232 2.04 -4.66 -13.28
N LEU A 233 2.93 -3.69 -13.27
CA LEU A 233 2.59 -2.31 -13.49
C LEU A 233 3.31 -1.77 -14.71
N PRO A 234 2.55 -1.52 -15.79
CA PRO A 234 3.12 -0.71 -16.87
C PRO A 234 3.26 0.71 -16.34
N VAL A 235 4.39 1.36 -16.58
CA VAL A 235 4.61 2.65 -15.95
C VAL A 235 5.08 3.67 -16.97
N GLY A 236 4.46 4.84 -16.98
CA GLY A 236 4.91 5.89 -17.85
C GLY A 236 4.10 7.16 -17.69
N TYR A 237 4.15 8.03 -18.69
CA TYR A 237 3.26 9.18 -18.75
C TYR A 237 1.98 8.83 -19.51
N PRO A 238 0.86 9.43 -19.10
CA PRO A 238 -0.37 9.22 -19.87
C PRO A 238 -0.28 9.87 -21.28
N SER A 239 -0.72 9.14 -22.32
CA SER A 239 -0.75 9.70 -23.67
C SER A 239 -1.89 10.72 -23.79
N LYS A 240 -1.80 11.59 -24.79
CA LYS A 240 -2.77 12.67 -24.98
C LYS A 240 -4.22 12.22 -25.04
N GLU A 241 -4.48 11.04 -25.61
CA GLU A 241 -5.83 10.54 -25.75
C GLU A 241 -6.30 9.73 -24.56
N ALA A 242 -5.49 9.68 -23.50
CA ALA A 242 -5.85 8.89 -22.34
C ALA A 242 -7.23 9.25 -21.81
N THR A 243 -8.02 8.22 -21.56
CA THR A 243 -9.30 8.37 -20.91
C THR A 243 -9.35 7.46 -19.72
N VAL A 244 -10.33 7.71 -18.86
CA VAL A 244 -10.59 6.83 -17.74
C VAL A 244 -12.10 6.72 -17.70
N PRO A 245 -12.60 5.54 -17.34
CA PRO A 245 -14.06 5.42 -17.21
C PRO A 245 -14.55 6.34 -16.11
N ASP A 246 -15.85 6.66 -16.09
CA ASP A 246 -16.32 7.63 -15.14
C ASP A 246 -16.90 6.82 -13.99
N LEU A 247 -16.15 6.84 -12.89
CA LEU A 247 -16.43 5.99 -11.74
C LEU A 247 -16.40 6.87 -10.53
N LYS A 248 -17.24 6.57 -9.55
CA LYS A 248 -17.17 7.30 -8.31
C LYS A 248 -16.59 6.39 -7.24
N ARG A 249 -15.89 6.99 -6.28
CA ARG A 249 -15.42 6.24 -5.14
C ARG A 249 -16.46 6.36 -4.06
N LYS A 250 -16.60 5.29 -3.29
CA LYS A 250 -17.50 5.26 -2.16
C LYS A 250 -17.23 6.46 -1.25
N PRO A 251 -18.30 7.01 -0.69
CA PRO A 251 -18.15 8.04 0.35
C PRO A 251 -17.52 7.42 1.59
N LEU A 252 -16.97 8.25 2.46
CA LEU A 252 -16.33 7.78 3.68
C LEU A 252 -17.26 6.87 4.46
N ASP A 253 -18.56 7.21 4.45
CA ASP A 253 -19.52 6.50 5.30
C ASP A 253 -19.87 5.08 4.83
N GLN A 254 -19.45 4.72 3.62
CA GLN A 254 -19.57 3.35 3.21
C GLN A 254 -18.32 2.53 3.29
N ILE A 255 -17.18 3.15 3.62
CA ILE A 255 -15.98 2.42 4.05
C ILE A 255 -15.61 2.42 5.57
N MET A 256 -16.34 3.17 6.39
CA MET A 256 -15.84 3.44 7.73
C MET A 256 -16.90 3.27 8.81
N VAL A 257 -16.57 2.50 9.84
CA VAL A 257 -17.45 2.34 10.98
C VAL A 257 -16.72 2.80 12.22
N THR A 258 -17.36 3.62 13.04
CA THR A 258 -16.75 4.07 14.28
C THR A 258 -17.55 3.60 15.48
N VAL A 259 -16.88 2.94 16.42
CA VAL A 259 -17.49 2.60 17.70
C VAL A 259 -16.97 3.55 18.76
N HIS A 260 -17.83 4.46 19.23
CA HIS A 260 -17.39 5.53 20.12
C HIS A 260 -17.85 5.33 21.57
N VAL B 41 -19.11 1.51 -18.95
CA VAL B 41 -20.07 2.48 -19.46
C VAL B 41 -19.36 3.73 -20.01
N GLU B 42 -19.62 4.88 -19.39
CA GLU B 42 -19.14 6.17 -19.91
C GLU B 42 -17.65 6.43 -19.62
N HIS B 43 -16.98 7.16 -20.52
CA HIS B 43 -15.54 7.47 -20.37
C HIS B 43 -15.24 8.97 -20.44
N ILE B 44 -14.28 9.43 -19.64
CA ILE B 44 -13.95 10.86 -19.58
C ILE B 44 -12.45 11.11 -19.83
N PRO B 45 -12.10 12.33 -20.25
CA PRO B 45 -10.68 12.62 -20.47
C PRO B 45 -9.90 12.56 -19.18
N PHE B 46 -8.73 11.94 -19.20
CA PHE B 46 -7.86 11.97 -18.04
C PHE B 46 -6.98 13.22 -18.10
N SER B 47 -7.02 14.00 -17.03
CA SER B 47 -6.28 15.26 -16.95
C SER B 47 -4.88 15.08 -16.33
N HIS B 48 -3.86 15.37 -17.13
CA HIS B 48 -2.47 15.14 -16.74
C HIS B 48 -2.00 16.17 -15.69
N ASN B 49 -0.77 16.00 -15.23
CA ASN B 49 -0.17 16.81 -14.16
C ASN B 49 0.53 18.10 -14.56
N HIS B 50 1.55 17.99 -15.43
CA HIS B 50 2.58 19.01 -15.71
C HIS B 50 3.91 19.03 -14.91
N TYR B 51 4.13 18.15 -13.92
CA TYR B 51 5.42 18.17 -13.20
C TYR B 51 6.63 17.98 -14.15
N PRO B 52 7.51 19.00 -14.22
CA PRO B 52 8.70 18.79 -15.06
C PRO B 52 9.69 17.84 -14.39
N GLU B 53 10.60 17.26 -15.16
CA GLU B 53 11.49 16.20 -14.67
C GLU B 53 12.21 16.52 -13.36
N LYS B 54 12.85 17.67 -13.29
CA LYS B 54 13.56 18.12 -12.09
C LYS B 54 12.64 18.16 -10.87
N GLU B 55 11.36 18.44 -11.11
CA GLU B 55 10.38 18.45 -10.04
C GLU B 55 10.03 17.02 -9.62
N MET B 56 9.98 16.12 -10.59
CA MET B 56 9.63 14.73 -10.31
C MET B 56 10.73 14.09 -9.48
N VAL B 57 11.97 14.43 -9.80
CA VAL B 57 13.10 13.90 -9.06
C VAL B 57 13.01 14.32 -7.61
N LYS B 58 12.96 15.62 -7.40
CA LYS B 58 12.88 16.20 -6.06
C LYS B 58 11.67 15.68 -5.29
N ARG B 59 10.52 15.60 -5.96
CA ARG B 59 9.32 15.11 -5.30
C ARG B 59 9.43 13.65 -4.92
N SER B 60 10.03 12.85 -5.80
CA SER B 60 10.16 11.42 -5.56
C SER B 60 11.16 11.16 -4.42
N GLN B 61 12.20 12.01 -4.34
CA GLN B 61 13.19 11.92 -3.28
C GLN B 61 12.59 12.25 -1.92
N GLU B 62 11.97 13.42 -1.84
CA GLU B 62 11.29 13.86 -0.63
C GLU B 62 10.34 12.82 -0.09
N PHE B 63 9.60 12.16 -0.98
CA PHE B 63 8.62 11.15 -0.58
C PHE B 63 9.30 9.89 -0.07
N TYR B 64 10.42 9.54 -0.69
CA TYR B 64 11.19 8.41 -0.20
C TYR B 64 11.73 8.68 1.20
N GLU B 65 12.28 9.88 1.41
CA GLU B 65 12.84 10.24 2.72
C GLU B 65 11.77 10.26 3.80
N LEU B 66 10.57 10.70 3.43
CA LEU B 66 9.45 10.79 4.36
C LEU B 66 9.07 9.40 4.82
N LEU B 67 8.92 8.51 3.86
CA LEU B 67 8.42 7.18 4.12
C LEU B 67 9.50 6.32 4.72
N ASN B 68 10.75 6.59 4.38
CA ASN B 68 11.85 5.83 4.95
C ASN B 68 11.93 6.00 6.47
N LYS B 69 11.37 7.10 6.98
CA LYS B 69 11.34 7.35 8.42
C LYS B 69 10.22 6.61 9.12
N ARG B 70 9.43 5.86 8.38
CA ARG B 70 8.37 5.12 9.01
C ARG B 70 8.97 3.92 9.74
N ARG B 71 8.61 3.74 11.01
CA ARG B 71 8.96 2.52 11.70
C ARG B 71 7.72 2.03 12.41
N SER B 72 7.60 0.73 12.55
CA SER B 72 6.55 0.17 13.39
C SER B 72 6.95 0.53 14.81
N VAL B 73 6.09 1.25 15.50
CA VAL B 73 6.36 1.76 16.83
C VAL B 73 5.45 1.08 17.82
N ARG B 74 6.04 0.36 18.77
CA ARG B 74 5.29 -0.47 19.69
C ARG B 74 4.93 0.23 20.99
N PHE B 75 5.23 1.53 21.06
CA PHE B 75 5.00 2.33 22.25
C PHE B 75 4.20 3.58 21.88
N ILE B 76 2.94 3.64 22.33
CA ILE B 76 2.01 4.62 21.79
C ILE B 76 1.23 5.39 22.86
N SER B 77 1.28 6.70 22.76
CA SER B 77 0.66 7.57 23.75
C SER B 77 -0.84 7.40 23.77
N ASN B 78 -1.46 7.74 24.90
CA ASN B 78 -2.92 7.67 24.98
C ASN B 78 -3.61 8.96 24.53
N GLU B 79 -2.80 9.93 24.09
CA GLU B 79 -3.31 11.18 23.53
C GLU B 79 -4.27 10.97 22.38
N GLN B 80 -5.42 11.62 22.44
CA GLN B 80 -6.39 11.56 21.36
C GLN B 80 -5.86 12.14 20.05
N VAL B 81 -6.16 11.45 18.95
CA VAL B 81 -5.95 11.97 17.61
C VAL B 81 -7.22 12.67 17.10
N PRO B 82 -7.04 13.80 16.40
CA PRO B 82 -8.20 14.51 15.83
C PRO B 82 -8.93 13.59 14.87
N MET B 83 -10.24 13.48 15.04
CA MET B 83 -11.04 12.53 14.30
C MET B 83 -11.02 12.86 12.81
N GLU B 84 -10.92 14.14 12.51
CA GLU B 84 -10.84 14.59 11.13
C GLU B 84 -9.64 13.97 10.45
N VAL B 85 -8.53 13.91 11.17
CA VAL B 85 -7.28 13.38 10.65
C VAL B 85 -7.43 11.90 10.37
N ILE B 86 -8.16 11.21 11.24
CA ILE B 86 -8.39 9.79 11.07
C ILE B 86 -9.30 9.54 9.86
N ASP B 87 -10.24 10.44 9.67
CA ASP B 87 -11.10 10.38 8.51
C ASP B 87 -10.28 10.53 7.25
N ASN B 88 -9.34 11.46 7.27
CA ASN B 88 -8.59 11.77 6.06
C ASN B 88 -7.69 10.63 5.62
N VAL B 89 -7.11 9.90 6.57
CA VAL B 89 -6.23 8.80 6.19
C VAL B 89 -7.04 7.59 5.73
N ILE B 90 -8.24 7.45 6.26
CA ILE B 90 -9.12 6.38 5.81
C ILE B 90 -9.67 6.73 4.44
N ARG B 91 -10.01 7.99 4.22
CA ARG B 91 -10.46 8.43 2.90
C ARG B 91 -9.37 8.12 1.91
N THR B 92 -8.14 8.47 2.27
CA THR B 92 -6.99 8.28 1.40
C THR B 92 -6.82 6.82 1.05
N ALA B 93 -7.00 5.95 2.05
CA ALA B 93 -6.88 4.52 1.82
C ALA B 93 -7.95 4.04 0.85
N GLY B 94 -9.11 4.68 0.89
CA GLY B 94 -10.24 4.28 0.08
C GLY B 94 -10.06 4.69 -1.37
N THR B 95 -8.95 5.36 -1.67
CA THR B 95 -8.67 5.78 -3.04
C THR B 95 -7.91 4.70 -3.79
N ALA B 96 -7.66 3.60 -3.11
CA ALA B 96 -6.92 2.49 -3.69
C ALA B 96 -7.63 1.90 -4.93
N PRO B 97 -6.84 1.32 -5.85
CA PRO B 97 -7.43 0.57 -6.95
C PRO B 97 -7.97 -0.74 -6.39
N SER B 98 -9.03 -1.28 -6.97
CA SER B 98 -9.49 -2.60 -6.58
C SER B 98 -9.86 -3.40 -7.82
N GLY B 99 -9.72 -4.71 -7.73
CA GLY B 99 -10.09 -5.55 -8.86
C GLY B 99 -11.57 -5.44 -9.14
N ALA B 100 -11.92 -5.08 -10.38
CA ALA B 100 -13.31 -4.87 -10.78
C ALA B 100 -14.02 -3.75 -10.02
N HIS B 101 -13.24 -2.78 -9.52
CA HIS B 101 -13.81 -1.62 -8.81
CA HIS B 101 -13.74 -1.63 -8.75
C HIS B 101 -14.75 -1.99 -7.64
N THR B 102 -14.49 -3.11 -6.98
CA THR B 102 -15.40 -3.58 -5.93
C THR B 102 -15.22 -2.84 -4.61
N GLU B 103 -14.12 -2.09 -4.48
CA GLU B 103 -13.74 -1.44 -3.21
C GLU B 103 -14.11 -2.25 -1.96
N PRO B 104 -13.56 -3.49 -1.83
CA PRO B 104 -14.02 -4.49 -0.86
C PRO B 104 -13.37 -4.36 0.51
N TRP B 105 -13.41 -3.17 1.09
CA TRP B 105 -12.73 -2.98 2.35
C TRP B 105 -13.63 -2.28 3.34
N THR B 106 -13.39 -2.55 4.62
CA THR B 106 -14.12 -1.89 5.70
C THR B 106 -13.14 -1.52 6.79
N PHE B 107 -13.09 -0.25 7.13
CA PHE B 107 -12.16 0.22 8.14
C PHE B 107 -12.92 0.51 9.42
N VAL B 108 -12.73 -0.36 10.41
CA VAL B 108 -13.44 -0.23 11.69
C VAL B 108 -12.53 0.46 12.69
N VAL B 109 -13.03 1.55 13.24
CA VAL B 109 -12.24 2.39 14.12
C VAL B 109 -12.77 2.31 15.54
N VAL B 110 -11.99 1.72 16.41
CA VAL B 110 -12.43 1.51 17.78
C VAL B 110 -11.80 2.55 18.71
N LYS B 111 -12.62 3.49 19.19
CA LYS B 111 -12.19 4.46 20.18
C LYS B 111 -12.63 4.14 21.61
N ASP B 112 -13.41 3.09 21.80
CA ASP B 112 -13.99 2.86 23.12
C ASP B 112 -13.11 1.98 23.98
N PRO B 113 -12.64 2.53 25.11
CA PRO B 113 -11.68 1.91 26.02
C PRO B 113 -12.06 0.49 26.44
N ASP B 114 -13.34 0.24 26.69
CA ASP B 114 -13.79 -1.08 27.12
C ASP B 114 -13.58 -2.12 26.03
N VAL B 115 -14.10 -1.83 24.84
CA VAL B 115 -14.03 -2.80 23.75
C VAL B 115 -12.60 -2.93 23.22
N LYS B 116 -11.81 -1.87 23.32
CA LYS B 116 -10.39 -1.95 22.98
C LYS B 116 -9.66 -2.92 23.92
N HIS B 117 -10.01 -2.87 25.19
CA HIS B 117 -9.48 -3.80 26.18
C HIS B 117 -9.94 -5.23 25.89
N LYS B 118 -11.24 -5.38 25.62
CA LYS B 118 -11.79 -6.67 25.21
C LYS B 118 -11.03 -7.21 24.01
N ILE B 119 -10.76 -6.31 23.06
CA ILE B 119 -9.92 -6.61 21.90
C ILE B 119 -8.52 -7.06 22.32
N ARG B 120 -7.93 -6.36 23.29
CA ARG B 120 -6.60 -6.69 23.78
C ARG B 120 -6.59 -8.06 24.41
N LYS B 121 -7.62 -8.34 25.20
CA LYS B 121 -7.70 -9.60 25.92
C LYS B 121 -7.80 -10.79 24.97
N ILE B 122 -8.62 -10.65 23.93
CA ILE B 122 -8.77 -11.69 22.94
C ILE B 122 -7.44 -11.98 22.25
N ILE B 123 -6.78 -10.91 21.82
CA ILE B 123 -5.53 -11.02 21.08
C ILE B 123 -4.42 -11.64 21.89
N GLU B 124 -4.29 -11.24 23.16
CA GLU B 124 -3.24 -11.78 24.01
C GLU B 124 -3.46 -13.25 24.31
N GLU B 125 -4.71 -13.63 24.54
CA GLU B 125 -5.06 -15.00 24.86
C GLU B 125 -4.57 -16.01 23.82
N GLU B 126 -4.78 -15.68 22.55
CA GLU B 126 -4.44 -16.59 21.47
C GLU B 126 -2.95 -16.69 21.24
N GLU B 127 -2.26 -15.56 21.27
CA GLU B 127 -0.83 -15.52 20.98
C GLU B 127 -0.01 -16.12 22.11
N GLU B 128 -0.68 -16.41 23.22
CA GLU B 128 -0.04 -17.01 24.38
C GLU B 128 0.36 -18.45 24.09
N ILE B 129 -0.11 -18.98 22.97
CA ILE B 129 0.05 -20.39 22.63
C ILE B 129 1.46 -20.77 22.17
N ASN B 130 1.99 -21.85 22.75
CA ASN B 130 3.31 -22.37 22.43
C ASN B 130 3.24 -23.66 21.61
N ASN B 149 6.93 -9.03 24.72
CA ASN B 149 6.68 -10.42 24.33
C ASN B 149 5.19 -10.71 24.14
N TRP B 150 4.63 -11.51 25.05
CA TRP B 150 3.21 -11.87 25.01
C TRP B 150 2.31 -10.64 25.17
N ILE B 151 2.77 -9.66 25.93
CA ILE B 151 1.99 -8.46 26.21
C ILE B 151 1.97 -7.49 25.02
N LYS B 152 0.78 -7.12 24.56
CA LYS B 152 0.73 -5.93 23.72
C LYS B 152 -0.07 -4.88 24.48
N GLU B 153 0.66 -3.94 25.09
CA GLU B 153 0.03 -2.96 25.95
C GLU B 153 -0.56 -1.85 25.13
N TYR B 154 0.04 -1.67 23.96
CA TYR B 154 -0.27 -0.54 23.12
C TYR B 154 -1.69 -0.62 22.57
N LEU B 155 -2.27 -1.82 22.59
CA LEU B 155 -3.68 -1.99 22.24
C LEU B 155 -4.58 -1.22 23.21
N ASP B 156 -4.16 -1.16 24.47
CA ASP B 156 -4.87 -0.34 25.46
C ASP B 156 -4.54 1.14 25.39
N THR B 157 -3.25 1.46 25.30
CA THR B 157 -2.83 2.85 25.40
C THR B 157 -3.13 3.68 24.16
N ALA B 158 -2.97 3.08 22.98
CA ALA B 158 -3.28 3.81 21.76
C ALA B 158 -4.71 4.33 21.81
N PRO B 159 -4.91 5.62 21.46
CA PRO B 159 -6.24 6.20 21.56
C PRO B 159 -7.22 5.52 20.62
N ILE B 160 -6.72 5.05 19.48
CA ILE B 160 -7.56 4.49 18.42
C ILE B 160 -7.01 3.15 17.91
N LEU B 161 -7.90 2.18 17.68
CA LEU B 161 -7.54 0.97 16.94
C LEU B 161 -8.25 0.94 15.57
N ILE B 162 -7.49 0.68 14.51
CA ILE B 162 -8.09 0.54 13.19
C ILE B 162 -8.06 -0.91 12.72
N LEU B 163 -9.23 -1.48 12.52
CA LEU B 163 -9.33 -2.87 12.07
C LEU B 163 -9.88 -2.91 10.64
N ILE B 164 -9.05 -3.41 9.72
CA ILE B 164 -9.41 -3.45 8.33
C ILE B 164 -9.93 -4.82 7.92
N PHE B 165 -11.14 -4.85 7.38
CA PHE B 165 -11.75 -6.09 6.91
C PHE B 165 -11.82 -6.22 5.39
N LYS B 166 -11.61 -7.44 4.91
CA LYS B 166 -11.78 -7.77 3.52
C LYS B 166 -13.19 -8.28 3.40
N GLN B 167 -13.95 -7.74 2.45
CA GLN B 167 -15.29 -8.24 2.16
C GLN B 167 -15.14 -9.29 1.06
N VAL B 168 -15.55 -10.52 1.36
CA VAL B 168 -15.47 -11.61 0.38
C VAL B 168 -16.83 -11.97 -0.19
N TYR B 182 -9.62 -9.94 -6.82
CA TYR B 182 -8.48 -10.30 -5.97
C TYR B 182 -8.55 -9.47 -4.70
N ASN B 183 -9.54 -9.78 -3.87
CA ASN B 183 -9.88 -8.92 -2.75
C ASN B 183 -8.75 -8.74 -1.73
N GLU B 184 -8.00 -9.79 -1.48
CA GLU B 184 -6.94 -9.71 -0.49
C GLU B 184 -5.88 -8.71 -0.91
N ILE B 185 -5.34 -8.90 -2.10
CA ILE B 185 -4.37 -7.95 -2.64
C ILE B 185 -4.94 -6.52 -2.66
N SER B 186 -6.20 -6.38 -3.04
CA SER B 186 -6.83 -5.06 -3.11
C SER B 186 -6.86 -4.40 -1.73
N VAL B 187 -7.27 -5.16 -0.72
CA VAL B 187 -7.34 -4.59 0.63
C VAL B 187 -5.95 -4.31 1.22
N SER B 188 -4.98 -5.20 0.95
CA SER B 188 -3.60 -4.97 1.38
C SER B 188 -2.99 -3.77 0.67
N ILE B 189 -3.30 -3.59 -0.61
CA ILE B 189 -2.85 -2.39 -1.31
C ILE B 189 -3.36 -1.15 -0.59
N ALA B 190 -4.65 -1.15 -0.23
CA ALA B 190 -5.23 -0.02 0.50
C ALA B 190 -4.59 0.21 1.88
N CYS B 191 -4.27 -0.88 2.57
CA CYS B 191 -3.56 -0.81 3.84
C CYS B 191 -2.19 -0.17 3.68
N GLY B 192 -1.51 -0.49 2.58
CA GLY B 192 -0.24 0.14 2.28
C GLY B 192 -0.38 1.65 2.16
N ILE B 193 -1.45 2.06 1.50
CA ILE B 193 -1.74 3.49 1.31
C ILE B 193 -2.14 4.16 2.64
N LEU B 194 -2.90 3.44 3.44
CA LEU B 194 -3.19 3.83 4.81
C LEU B 194 -1.90 4.07 5.64
N LEU B 195 -0.92 3.18 5.54
CA LEU B 195 0.34 3.38 6.29
C LEU B 195 1.10 4.63 5.83
N ALA B 196 1.22 4.79 4.51
CA ALA B 196 1.79 6.00 3.94
C ALA B 196 1.09 7.24 4.48
N ALA B 197 -0.23 7.18 4.54
CA ALA B 197 -1.03 8.30 5.01
C ALA B 197 -0.80 8.60 6.50
N LEU B 198 -0.74 7.56 7.33
CA LEU B 198 -0.36 7.73 8.72
C LEU B 198 1.02 8.40 8.86
N GLN B 199 1.98 7.88 8.11
CA GLN B 199 3.31 8.46 8.14
C GLN B 199 3.26 9.93 7.76
N ASN B 200 2.63 10.22 6.61
CA ASN B 200 2.51 11.60 6.15
C ASN B 200 1.85 12.53 7.17
N ALA B 201 0.84 12.02 7.88
CA ALA B 201 0.18 12.78 8.95
C ALA B 201 0.96 12.86 10.28
N GLY B 202 2.06 12.14 10.39
CA GLY B 202 2.86 12.15 11.61
C GLY B 202 2.22 11.35 12.73
N LEU B 203 1.62 10.24 12.35
CA LEU B 203 1.05 9.30 13.29
C LEU B 203 1.85 8.01 13.15
N VAL B 204 1.80 7.17 14.17
CA VAL B 204 2.54 5.93 14.15
C VAL B 204 1.62 4.76 14.45
N THR B 205 2.13 3.57 14.18
CA THR B 205 1.39 2.36 14.40
C THR B 205 2.35 1.19 14.36
N VAL B 206 1.81 0.00 14.55
CA VAL B 206 2.54 -1.21 14.20
C VAL B 206 1.59 -2.15 13.47
N THR B 207 1.93 -2.50 12.24
CA THR B 207 1.08 -3.37 11.41
C THR B 207 0.98 -4.73 12.06
N THR B 208 -0.23 -5.23 12.25
CA THR B 208 -0.43 -6.59 12.77
C THR B 208 -1.52 -7.29 11.96
N THR B 209 -1.40 -8.59 11.79
CA THR B 209 -2.39 -9.36 11.03
C THR B 209 -2.86 -10.62 11.78
N PRO B 210 -3.62 -10.42 12.87
CA PRO B 210 -4.07 -11.55 13.71
C PRO B 210 -5.28 -12.26 13.11
N LEU B 211 -5.06 -12.99 12.02
CA LEU B 211 -6.15 -13.62 11.28
C LEU B 211 -6.81 -14.78 12.03
N ASN B 212 -6.06 -15.35 12.97
CA ASN B 212 -6.55 -16.47 13.77
C ASN B 212 -7.76 -16.11 14.64
N CYS B 213 -7.68 -14.96 15.31
CA CYS B 213 -8.77 -14.49 16.16
C CYS B 213 -9.73 -13.54 15.45
N GLY B 214 -9.51 -13.37 14.14
CA GLY B 214 -10.39 -12.57 13.31
C GLY B 214 -11.88 -12.83 13.46
N PRO B 215 -12.30 -14.12 13.42
CA PRO B 215 -13.72 -14.41 13.61
C PRO B 215 -14.29 -14.02 14.98
N ARG B 216 -13.48 -14.15 16.04
CA ARG B 216 -13.92 -13.72 17.37
C ARG B 216 -14.11 -12.20 17.39
N LEU B 217 -13.23 -11.50 16.69
CA LEU B 217 -13.27 -10.05 16.63
C LEU B 217 -14.37 -9.55 15.70
N ARG B 218 -14.61 -10.30 14.63
CA ARG B 218 -15.69 -9.96 13.70
C ARG B 218 -17.02 -10.04 14.43
N VAL B 219 -17.18 -11.10 15.22
CA VAL B 219 -18.36 -11.29 16.03
C VAL B 219 -18.44 -10.22 17.12
N LEU B 220 -17.30 -9.96 17.77
CA LEU B 220 -17.23 -8.94 18.81
C LEU B 220 -17.63 -7.59 18.27
N LEU B 221 -17.14 -7.27 17.08
CA LEU B 221 -17.36 -5.98 16.46
C LEU B 221 -18.66 -5.88 15.65
N GLY B 222 -19.43 -6.96 15.61
CA GLY B 222 -20.73 -6.94 14.96
C GLY B 222 -20.66 -6.72 13.47
N ARG B 223 -19.84 -7.51 12.79
CA ARG B 223 -19.64 -7.36 11.36
C ARG B 223 -20.20 -8.60 10.70
N PRO B 224 -20.60 -8.49 9.43
CA PRO B 224 -21.22 -9.64 8.75
C PRO B 224 -20.19 -10.75 8.51
N ALA B 225 -20.66 -11.96 8.28
CA ALA B 225 -19.78 -13.12 8.15
C ALA B 225 -18.88 -13.05 6.93
N HIS B 226 -19.26 -12.22 5.94
CA HIS B 226 -18.51 -12.11 4.69
C HIS B 226 -17.34 -11.13 4.79
N GLU B 227 -17.14 -10.56 5.97
CA GLU B 227 -15.94 -9.78 6.27
C GLU B 227 -14.94 -10.61 7.05
N LYS B 228 -13.77 -10.85 6.46
CA LYS B 228 -12.67 -11.49 7.17
C LYS B 228 -11.73 -10.40 7.60
N LEU B 229 -11.28 -10.45 8.85
CA LEU B 229 -10.27 -9.50 9.33
C LEU B 229 -8.97 -9.70 8.56
N LEU B 230 -8.27 -8.60 8.35
CA LEU B 230 -7.02 -8.58 7.62
C LEU B 230 -5.91 -8.03 8.50
N MET B 231 -6.09 -6.81 8.97
CA MET B 231 -5.05 -6.08 9.66
C MET B 231 -5.61 -5.33 10.87
N LEU B 232 -4.77 -5.18 11.89
CA LEU B 232 -5.11 -4.33 13.02
C LEU B 232 -3.97 -3.34 13.17
N LEU B 233 -4.30 -2.06 13.12
CA LEU B 233 -3.33 -1.00 13.36
C LEU B 233 -3.74 -0.20 14.58
N PRO B 234 -2.99 -0.35 15.68
CA PRO B 234 -3.13 0.61 16.79
C PRO B 234 -2.53 1.94 16.34
N VAL B 235 -3.16 3.06 16.66
CA VAL B 235 -2.79 4.31 16.03
C VAL B 235 -2.74 5.43 17.04
N GLY B 236 -1.65 6.20 17.03
CA GLY B 236 -1.56 7.36 17.89
C GLY B 236 -0.25 8.07 17.69
N TYR B 237 0.11 8.87 18.68
CA TYR B 237 1.45 9.44 18.80
C TYR B 237 2.36 8.50 19.57
N PRO B 238 3.63 8.44 19.18
CA PRO B 238 4.62 7.67 19.93
C PRO B 238 4.83 8.20 21.36
N SER B 239 5.12 7.28 22.30
CA SER B 239 5.50 7.63 23.66
C SER B 239 6.88 8.28 23.72
N LYS B 240 7.13 9.01 24.79
CA LYS B 240 8.44 9.60 25.05
C LYS B 240 9.53 8.51 25.13
N GLU B 241 9.17 7.37 25.70
CA GLU B 241 10.09 6.27 25.90
C GLU B 241 10.15 5.35 24.69
N ALA B 242 9.44 5.69 23.64
CA ALA B 242 9.34 4.80 22.49
C ALA B 242 10.70 4.58 21.86
N THR B 243 11.05 3.31 21.69
CA THR B 243 12.22 2.94 20.93
C THR B 243 11.79 2.14 19.74
N VAL B 244 12.76 1.78 18.92
CA VAL B 244 12.52 0.90 17.79
C VAL B 244 13.77 0.06 17.72
N PRO B 245 13.63 -1.21 17.34
CA PRO B 245 14.85 -2.02 17.23
C PRO B 245 15.73 -1.44 16.13
N ASP B 246 17.03 -1.73 16.14
CA ASP B 246 17.90 -1.06 15.19
C ASP B 246 18.11 -2.03 14.03
N LEU B 247 17.45 -1.70 12.93
CA LEU B 247 17.38 -2.55 11.74
C LEU B 247 17.69 -1.67 10.55
N LYS B 248 18.32 -2.24 9.54
CA LYS B 248 18.46 -1.51 8.28
C LYS B 248 17.61 -2.15 7.19
N ARG B 249 17.10 -1.33 6.28
CA ARG B 249 16.43 -1.85 5.11
C ARG B 249 17.48 -2.27 4.09
N LYS B 250 17.10 -3.21 3.25
CA LYS B 250 17.90 -3.57 2.08
C LYS B 250 18.20 -2.33 1.24
N PRO B 251 19.43 -2.24 0.74
CA PRO B 251 19.76 -1.20 -0.23
C PRO B 251 19.00 -1.49 -1.52
N LEU B 252 18.89 -0.50 -2.41
CA LEU B 252 18.11 -0.66 -3.65
C LEU B 252 18.51 -1.90 -4.45
N ASP B 253 19.81 -2.21 -4.51
CA ASP B 253 20.27 -3.31 -5.35
C ASP B 253 19.89 -4.70 -4.84
N GLN B 254 19.36 -4.77 -3.63
CA GLN B 254 18.84 -6.03 -3.15
C GLN B 254 17.37 -6.24 -3.39
N ILE B 255 16.65 -5.16 -3.67
CA ILE B 255 15.25 -5.25 -4.09
C ILE B 255 14.92 -5.07 -5.60
N MET B 256 15.92 -4.76 -6.43
CA MET B 256 15.62 -4.32 -7.78
C MET B 256 16.49 -4.98 -8.83
N VAL B 257 15.85 -5.47 -9.89
CA VAL B 257 16.57 -6.00 -11.03
C VAL B 257 16.13 -5.22 -12.24
N THR B 258 17.08 -4.79 -13.06
CA THR B 258 16.76 -4.09 -14.29
C THR B 258 17.29 -4.84 -15.51
N VAL B 259 16.38 -5.34 -16.32
CA VAL B 259 16.77 -5.92 -17.60
C VAL B 259 16.67 -4.87 -18.70
N HIS B 260 17.80 -4.59 -19.33
CA HIS B 260 17.85 -3.53 -20.35
C HIS B 260 18.30 -4.06 -21.70
N1 FMN C . -7.40 -3.22 -14.43
C2 FMN C . -7.39 -3.74 -15.70
O2 FMN C . -7.70 -3.06 -16.67
N3 FMN C . -7.04 -5.06 -15.84
C4 FMN C . -6.68 -5.90 -14.82
O4 FMN C . -6.38 -7.05 -15.07
C4A FMN C . -6.70 -5.32 -13.54
N5 FMN C . -6.36 -6.08 -12.51
C5A FMN C . -6.37 -5.54 -11.23
C6 FMN C . -6.01 -6.35 -10.13
C7 FMN C . -6.01 -5.83 -8.85
C7M FMN C . -5.62 -6.75 -7.72
C8 FMN C . -6.37 -4.48 -8.62
C8M FMN C . -6.37 -3.89 -7.21
C9 FMN C . -6.72 -3.67 -9.69
C9A FMN C . -6.72 -4.21 -11.01
N10 FMN C . -7.08 -3.43 -12.13
C10 FMN C . -7.05 -4.01 -13.37
C1' FMN C . -7.46 -2.02 -11.99
C2' FMN C . -8.91 -1.80 -11.63
O2' FMN C . -9.74 -2.09 -12.73
C3' FMN C . -9.11 -0.32 -11.18
O3' FMN C . -8.25 -0.03 -10.12
C4' FMN C . -10.55 -0.10 -10.73
O4' FMN C . -11.42 -0.29 -11.80
C5' FMN C . -10.75 1.29 -10.14
O5' FMN C . -10.26 2.26 -11.08
P FMN C . -9.12 3.33 -10.60
O1P FMN C . -8.80 4.21 -11.79
O2P FMN C . -7.88 2.53 -10.17
O3P FMN C . -9.64 4.19 -9.43
N1 FMN D . 4.96 -6.52 14.43
C2 FMN D . 4.72 -6.97 15.71
O2 FMN D . 5.30 -6.49 16.67
N3 FMN D . 3.82 -7.98 15.84
C4 FMN D . 3.11 -8.59 14.83
O4 FMN D . 2.33 -9.48 15.09
C4A FMN D . 3.39 -8.08 13.56
N5 FMN D . 2.75 -8.61 12.52
C5A FMN D . 3.00 -8.14 11.24
C6 FMN D . 2.32 -8.71 10.14
C7 FMN D . 2.56 -8.24 8.86
C7M FMN D . 1.81 -8.89 7.72
C8 FMN D . 3.48 -7.20 8.62
C8M FMN D . 3.76 -6.67 7.21
C9 FMN D . 4.16 -6.63 9.69
C9A FMN D . 3.92 -7.11 11.02
N10 FMN D . 4.58 -6.57 12.14
C10 FMN D . 4.30 -7.07 13.38
C1' FMN D . 5.57 -5.47 11.99
C2' FMN D . 6.92 -5.94 11.54
O2' FMN D . 7.57 -6.66 12.57
C3' FMN D . 7.79 -4.71 11.11
O3' FMN D . 7.14 -4.00 10.10
C4' FMN D . 9.14 -5.19 10.59
O4' FMN D . 9.88 -5.77 11.64
C5' FMN D . 9.94 -4.06 9.97
O5' FMN D . 10.10 -2.99 10.92
P FMN D . 9.56 -1.50 10.55
O1P FMN D . 9.82 -0.60 11.74
O2P FMN D . 8.05 -1.61 10.27
O3P FMN D . 10.30 -0.95 9.31
#